data_5Y44
#
_entry.id   5Y44
#
_cell.length_a   34.678
_cell.length_b   161.490
_cell.length_c   115.762
_cell.angle_alpha   90.000
_cell.angle_beta   90.000
_cell.angle_gamma   90.000
#
_symmetry.space_group_name_H-M   'C 2 2 21'
#
loop_
_entity.id
_entity.type
_entity.pdbx_description
1 polymer 'Bile acid receptor'
2 polymer 'Peptide from Nuclear receptor coactivator 1'
3 non-polymer '[(1R,2R,4R)-1,7,7-trimethyl-2-bicyclo[2.2.1]heptanyl] 4-azanyl-3-methyl-benzoate'
4 non-polymer 'SULFATE ION'
5 water water
#
loop_
_entity_poly.entity_id
_entity_poly.type
_entity_poly.pdbx_seq_one_letter_code
_entity_poly.pdbx_strand_id
1 'polypeptide(L)'
;ELTPDQQTLLHFIMDSYNKQRMPQEITNKILKEAFSAEENFLILTEMATNHVQVLVEFTKKLPGFQTLDHEDQIALLKGS
AVEAMFLRSAEIFNKKLPSGHSDLLEERIRNSGISDEYITPMFSFYKSIGELKMTQEEYALLTAIVILSPDRQYIKDREA
VEKLQEPLLDVLQKLCKIHQPENPQHFAKLLGRLTELRTFNHHHAEMLMSWRVDHKFTPLLQEIWDV
;
A
2 'polypeptide(L)' EHQLLRYLLDK B
#
loop_
_chem_comp.id
_chem_comp.type
_chem_comp.name
_chem_comp.formula
SO4 non-polymer 'SULFATE ION' 'O4 S -2'
XD4 non-polymer '[(1R,2R,4R)-1,7,7-trimethyl-2-bicyclo[2.2.1]heptanyl] 4-azanyl-3-methyl-benzoate' 'C18 H25 N O2'
#
# COMPACT_ATOMS: atom_id res chain seq x y z
N GLU A 1 22.41 4.12 16.20
CA GLU A 1 21.67 3.21 17.13
C GLU A 1 21.39 1.85 16.45
N LEU A 2 21.13 1.79 15.14
CA LEU A 2 20.82 0.48 14.52
C LEU A 2 21.98 -0.49 14.77
N THR A 3 21.67 -1.73 15.13
CA THR A 3 22.64 -2.81 15.19
C THR A 3 23.00 -3.27 13.79
N PRO A 4 24.11 -4.05 13.67
CA PRO A 4 24.47 -4.63 12.37
C PRO A 4 23.28 -5.36 11.73
N ASP A 5 22.63 -6.25 12.46
CA ASP A 5 21.47 -6.97 11.95
C ASP A 5 20.27 -6.06 11.58
N GLN A 6 20.06 -4.96 12.29
CA GLN A 6 19.02 -3.98 11.93
C GLN A 6 19.28 -3.26 10.61
N GLN A 7 20.58 -3.03 10.35
CA GLN A 7 21.05 -2.33 9.15
C GLN A 7 20.79 -3.24 7.99
N THR A 8 21.29 -4.46 8.14
CA THR A 8 21.11 -5.55 7.15
C THR A 8 19.63 -5.67 6.76
N LEU A 9 18.75 -5.72 7.79
CA LEU A 9 17.30 -5.77 7.60
C LEU A 9 16.79 -4.53 6.88
N LEU A 10 17.24 -3.36 7.27
CA LEU A 10 16.81 -2.13 6.64
C LEU A 10 17.20 -2.05 5.15
N HIS A 11 18.37 -2.57 4.81
CA HIS A 11 18.87 -2.56 3.45
C HIS A 11 18.10 -3.50 2.56
N PHE A 12 17.82 -4.72 3.02
CA PHE A 12 16.94 -5.62 2.27
C PHE A 12 15.59 -5.02 1.92
N ILE A 13 14.98 -4.40 2.92
CA ILE A 13 13.73 -3.67 2.80
C ILE A 13 13.82 -2.56 1.76
N MET A 14 14.82 -1.70 1.89
CA MET A 14 15.06 -0.62 0.94
C MET A 14 15.40 -1.12 -0.48
N ASP A 15 16.19 -2.18 -0.60
CA ASP A 15 16.47 -2.78 -1.90
C ASP A 15 15.18 -3.18 -2.63
N SER A 16 14.29 -3.77 -1.87
CA SER A 16 13.08 -4.30 -2.39
C SER A 16 12.09 -3.15 -2.64
N TYR A 17 12.01 -2.21 -1.73
CA TYR A 17 11.11 -1.10 -1.90
C TYR A 17 11.44 -0.27 -3.13
N ASN A 18 12.72 -0.10 -3.41
CA ASN A 18 13.12 0.70 -4.55
C ASN A 18 12.93 0.05 -5.92
N LYS A 19 12.89 -1.27 -6.03
CA LYS A 19 12.57 -1.93 -7.30
C LYS A 19 11.13 -1.70 -7.76
N GLN A 20 10.28 -1.15 -6.89
CA GLN A 20 8.87 -0.84 -7.19
C GLN A 20 8.80 0.31 -8.12
N ARG A 21 8.37 0.09 -9.33
CA ARG A 21 8.23 1.14 -10.35
C ARG A 21 6.74 1.27 -10.67
N MET A 22 6.22 2.49 -10.67
CA MET A 22 4.97 2.83 -11.40
C MET A 22 5.38 2.96 -12.88
N PRO A 23 4.93 2.08 -13.80
CA PRO A 23 5.42 2.22 -15.16
C PRO A 23 5.05 3.54 -15.86
N GLN A 24 6.00 4.01 -16.64
CA GLN A 24 5.83 5.15 -17.49
C GLN A 24 4.58 5.05 -18.38
N GLU A 25 4.35 3.89 -18.97
CA GLU A 25 3.18 3.69 -19.81
C GLU A 25 1.90 4.17 -19.06
N ILE A 26 1.86 4.02 -17.74
CA ILE A 26 0.67 4.36 -16.96
C ILE A 26 0.62 5.78 -16.56
N THR A 27 1.77 6.30 -16.19
CA THR A 27 1.83 7.72 -15.85
C THR A 27 1.54 8.54 -17.13
N ASN A 28 1.99 8.03 -18.28
CA ASN A 28 1.71 8.69 -19.55
C ASN A 28 0.20 8.87 -19.75
N LYS A 29 -0.61 7.85 -19.45
CA LYS A 29 -2.06 7.94 -19.66
C LYS A 29 -2.74 9.04 -18.85
N ILE A 30 -2.20 9.33 -17.68
CA ILE A 30 -2.68 10.39 -16.84
C ILE A 30 -2.73 11.72 -17.55
N LEU A 31 -1.80 12.02 -18.46
CA LEU A 31 -1.97 13.16 -19.40
C LEU A 31 -2.50 12.78 -20.76
N LYS A 32 -1.97 11.74 -21.33
CA LYS A 32 -2.22 11.52 -22.72
C LYS A 32 -3.64 11.08 -23.06
N GLU A 33 -4.44 10.61 -22.10
CA GLU A 33 -5.73 10.12 -22.49
C GLU A 33 -6.73 11.25 -22.33
N ALA A 34 -7.75 11.19 -23.17
CA ALA A 34 -9.01 11.91 -22.97
C ALA A 34 -9.59 11.70 -21.57
N PHE A 35 -10.36 12.67 -21.11
CA PHE A 35 -11.06 12.63 -19.86
C PHE A 35 -12.52 12.34 -20.14
N SER A 36 -13.03 11.32 -19.48
CA SER A 36 -14.46 11.14 -19.31
C SER A 36 -14.46 10.24 -18.10
N ALA A 37 -15.62 9.96 -17.53
CA ALA A 37 -15.74 9.08 -16.40
C ALA A 37 -15.19 7.67 -16.68
N GLU A 38 -15.39 7.25 -17.92
CA GLU A 38 -15.04 5.93 -18.39
C GLU A 38 -13.55 5.79 -18.58
N GLU A 39 -12.93 6.75 -19.23
CA GLU A 39 -11.48 6.75 -19.43
C GLU A 39 -10.75 6.88 -18.12
N ASN A 40 -11.24 7.72 -17.26
CA ASN A 40 -10.66 7.92 -15.97
C ASN A 40 -10.73 6.60 -15.12
N PHE A 41 -11.90 6.01 -15.10
CA PHE A 41 -12.06 4.71 -14.46
C PHE A 41 -11.14 3.65 -15.07
N LEU A 42 -10.98 3.61 -16.38
CA LEU A 42 -10.04 2.63 -16.92
C LEU A 42 -8.63 2.88 -16.41
N ILE A 43 -8.25 4.14 -16.26
CA ILE A 43 -6.91 4.47 -15.90
C ILE A 43 -6.64 4.09 -14.45
N LEU A 44 -7.63 4.37 -13.63
CA LEU A 44 -7.59 3.99 -12.27
C LEU A 44 -7.58 2.49 -12.06
N THR A 45 -8.30 1.76 -12.92
CA THR A 45 -8.29 0.31 -12.87
C THR A 45 -6.88 -0.15 -13.10
N GLU A 46 -6.26 0.43 -14.08
CA GLU A 46 -4.93 0.02 -14.43
C GLU A 46 -3.89 0.39 -13.35
N MET A 47 -4.01 1.57 -12.77
CA MET A 47 -3.17 1.96 -11.63
C MET A 47 -3.33 1.05 -10.41
N ALA A 48 -4.57 0.74 -10.07
CA ALA A 48 -4.84 -0.16 -8.95
C ALA A 48 -4.23 -1.49 -9.21
N THR A 49 -4.32 -1.93 -10.44
CA THR A 49 -3.71 -3.17 -10.81
C THR A 49 -2.22 -3.18 -10.59
N ASN A 50 -1.59 -2.12 -11.04
CA ASN A 50 -0.15 -2.02 -10.89
C ASN A 50 0.19 -1.91 -9.41
N HIS A 51 -0.54 -1.15 -8.62
CA HIS A 51 -0.25 -1.10 -7.19
C HIS A 51 -0.25 -2.51 -6.56
N VAL A 52 -1.26 -3.33 -6.87
CA VAL A 52 -1.31 -4.65 -6.28
C VAL A 52 -0.20 -5.55 -6.80
N GLN A 53 0.11 -5.37 -8.07
CA GLN A 53 1.23 -6.06 -8.69
C GLN A 53 2.49 -5.80 -7.92
N VAL A 54 2.71 -4.53 -7.66
CA VAL A 54 3.92 -4.10 -7.00
C VAL A 54 3.92 -4.52 -5.54
N LEU A 55 2.76 -4.52 -4.92
CA LEU A 55 2.66 -5.02 -3.55
C LEU A 55 3.15 -6.47 -3.46
N VAL A 56 2.74 -7.32 -4.40
CA VAL A 56 3.09 -8.72 -4.34
C VAL A 56 4.60 -8.85 -4.45
N GLU A 57 5.20 -8.12 -5.40
CA GLU A 57 6.62 -8.12 -5.62
C GLU A 57 7.41 -7.69 -4.36
N PHE A 58 6.95 -6.66 -3.69
CA PHE A 58 7.52 -6.19 -2.46
C PHE A 58 7.36 -7.22 -1.37
N THR A 59 6.17 -7.76 -1.27
CA THR A 59 5.87 -8.69 -0.20
C THR A 59 6.72 -9.93 -0.25
N LYS A 60 6.88 -10.47 -1.46
CA LYS A 60 7.50 -11.76 -1.54
C LYS A 60 8.99 -11.69 -1.14
N LYS A 61 9.55 -10.51 -1.22
CA LYS A 61 10.91 -10.29 -0.87
C LYS A 61 11.08 -9.82 0.57
N LEU A 62 10.04 -9.80 1.38
CA LEU A 62 10.24 -9.30 2.77
C LEU A 62 10.91 -10.45 3.55
N PRO A 63 11.89 -10.13 4.39
CA PRO A 63 12.58 -11.22 5.11
C PRO A 63 11.68 -12.03 5.96
N GLY A 64 11.76 -13.34 5.75
CA GLY A 64 10.92 -14.28 6.39
C GLY A 64 9.61 -14.62 5.75
N PHE A 65 9.12 -13.80 4.79
CA PHE A 65 7.81 -14.04 4.18
C PHE A 65 7.76 -15.41 3.50
N GLN A 66 8.83 -15.76 2.79
CA GLN A 66 8.90 -17.07 2.09
C GLN A 66 8.93 -18.27 3.03
N THR A 67 9.31 -18.08 4.28
CA THR A 67 9.24 -19.15 5.28
C THR A 67 7.81 -19.36 5.85
N LEU A 68 6.86 -18.47 5.57
CA LEU A 68 5.51 -18.56 6.15
C LEU A 68 4.66 -19.62 5.48
N ASP A 69 3.71 -20.11 6.24
CA ASP A 69 2.75 -21.03 5.69
C ASP A 69 2.07 -20.42 4.45
N HIS A 70 1.97 -21.22 3.40
CA HIS A 70 1.48 -20.68 2.13
C HIS A 70 0.03 -20.10 2.23
N GLU A 71 -0.83 -20.60 3.11
CA GLU A 71 -2.17 -20.00 3.25
C GLU A 71 -2.09 -18.67 3.99
N ASP A 72 -1.17 -18.56 4.91
CA ASP A 72 -1.03 -17.34 5.68
C ASP A 72 -0.47 -16.23 4.74
N GLN A 73 0.38 -16.62 3.80
CA GLN A 73 0.93 -15.68 2.85
C GLN A 73 -0.19 -15.03 2.07
N ILE A 74 -1.13 -15.83 1.62
CA ILE A 74 -2.26 -15.33 0.87
C ILE A 74 -3.17 -14.47 1.72
N ALA A 75 -3.45 -14.90 2.95
CA ALA A 75 -4.24 -14.10 3.87
C ALA A 75 -3.64 -12.72 4.12
N LEU A 76 -2.32 -12.66 4.20
CA LEU A 76 -1.65 -11.37 4.45
C LEU A 76 -1.73 -10.46 3.25
N LEU A 77 -1.54 -11.05 2.06
CA LEU A 77 -1.63 -10.30 0.83
C LEU A 77 -3.02 -9.71 0.67
N LYS A 78 -4.06 -10.53 0.75
CA LYS A 78 -5.45 -9.99 0.68
C LYS A 78 -5.79 -9.06 1.80
N GLY A 79 -5.35 -9.41 3.02
CA GLY A 79 -5.63 -8.58 4.18
C GLY A 79 -5.06 -7.21 4.07
N SER A 80 -3.89 -7.06 3.45
CA SER A 80 -3.22 -5.77 3.53
C SER A 80 -3.37 -4.92 2.27
N ALA A 81 -3.92 -5.47 1.21
CA ALA A 81 -3.84 -4.79 -0.09
C ALA A 81 -4.40 -3.41 -0.08
N VAL A 82 -5.59 -3.19 0.52
CA VAL A 82 -6.18 -1.84 0.57
C VAL A 82 -5.28 -0.88 1.28
N GLU A 83 -4.89 -1.22 2.50
CA GLU A 83 -4.07 -0.30 3.25
C GLU A 83 -2.70 -0.05 2.58
N ALA A 84 -2.08 -1.11 2.10
CA ALA A 84 -0.80 -0.96 1.41
C ALA A 84 -0.90 -0.08 0.17
N MET A 85 -1.95 -0.32 -0.56
CA MET A 85 -2.21 0.48 -1.74
C MET A 85 -2.45 1.99 -1.42
N PHE A 86 -3.35 2.29 -0.48
CA PHE A 86 -3.58 3.70 -0.13
C PHE A 86 -2.37 4.42 0.33
N LEU A 87 -1.51 3.69 1.03
CA LEU A 87 -0.26 4.20 1.49
C LEU A 87 0.67 4.52 0.35
N ARG A 88 0.86 3.56 -0.55
CA ARG A 88 1.63 3.80 -1.78
C ARG A 88 1.05 4.97 -2.60
N SER A 89 -0.28 5.08 -2.73
CA SER A 89 -0.81 6.16 -3.58
C SER A 89 -0.53 7.55 -2.95
N ALA A 90 -0.60 7.64 -1.62
CA ALA A 90 -0.07 8.80 -0.91
C ALA A 90 1.38 9.15 -1.31
N GLU A 91 2.30 8.19 -1.17
CA GLU A 91 3.68 8.41 -1.57
C GLU A 91 3.77 8.93 -3.00
N ILE A 92 3.00 8.34 -3.92
CA ILE A 92 3.12 8.73 -5.32
C ILE A 92 2.52 10.13 -5.50
N PHE A 93 1.40 10.38 -4.83
CA PHE A 93 0.74 11.68 -4.89
C PHE A 93 1.68 12.82 -4.42
N ASN A 94 2.42 12.61 -3.34
CA ASN A 94 3.29 13.65 -2.77
C ASN A 94 4.76 13.67 -3.24
N LYS A 95 5.18 12.73 -4.11
CA LYS A 95 6.60 12.54 -4.60
C LYS A 95 6.73 11.35 -5.58
N SER A 99 5.85 17.54 -9.58
CA SER A 99 4.99 17.99 -10.68
C SER A 99 3.51 17.61 -10.45
N GLY A 100 2.61 18.60 -10.54
CA GLY A 100 1.20 18.34 -10.81
C GLY A 100 0.88 18.46 -12.30
N HIS A 101 0.34 17.45 -13.05
CA HIS A 101 0.55 15.97 -12.92
C HIS A 101 -0.29 15.19 -11.86
N SER A 102 0.13 15.31 -10.63
CA SER A 102 -0.69 15.22 -9.45
C SER A 102 -2.09 15.83 -9.63
N ASP A 103 -2.14 16.97 -10.31
CA ASP A 103 -3.37 17.69 -10.63
C ASP A 103 -4.28 16.98 -11.56
N LEU A 104 -3.72 16.53 -12.67
CA LEU A 104 -4.51 15.75 -13.63
C LEU A 104 -5.03 14.44 -12.98
N LEU A 105 -4.23 13.82 -12.14
CA LEU A 105 -4.58 12.57 -11.48
C LEU A 105 -5.72 12.83 -10.53
N GLU A 106 -5.57 13.94 -9.84
CA GLU A 106 -6.62 14.33 -8.90
C GLU A 106 -7.94 14.53 -9.64
N GLU A 107 -7.87 15.20 -10.77
CA GLU A 107 -9.04 15.45 -11.56
C GLU A 107 -9.70 14.17 -12.04
N ARG A 108 -8.90 13.17 -12.39
CA ARG A 108 -9.44 11.90 -12.87
C ARG A 108 -10.13 11.11 -11.75
N ILE A 109 -9.49 11.13 -10.60
CA ILE A 109 -10.05 10.45 -9.45
C ILE A 109 -11.42 11.04 -9.11
N ARG A 110 -11.53 12.38 -9.16
CA ARG A 110 -12.74 13.11 -8.78
C ARG A 110 -13.84 12.98 -9.86
N ASN A 111 -13.51 12.46 -11.03
CA ASN A 111 -14.51 12.10 -12.02
C ASN A 111 -14.43 10.66 -12.50
N SER A 112 -14.70 9.75 -11.60
CA SER A 112 -14.60 8.34 -12.00
C SER A 112 -15.67 7.42 -11.37
N GLY A 113 -16.83 8.02 -11.03
CA GLY A 113 -17.95 7.29 -10.47
C GLY A 113 -17.70 6.97 -9.02
N ILE A 114 -16.86 7.74 -8.35
CA ILE A 114 -16.66 7.63 -6.92
C ILE A 114 -17.40 8.82 -6.25
N SER A 115 -18.28 8.49 -5.31
CA SER A 115 -18.94 9.43 -4.47
C SER A 115 -17.95 10.27 -3.68
N ASP A 116 -18.37 11.50 -3.42
CA ASP A 116 -17.63 12.41 -2.57
C ASP A 116 -17.41 11.86 -1.19
N GLU A 117 -18.34 11.07 -0.69
CA GLU A 117 -18.21 10.46 0.66
C GLU A 117 -16.86 9.73 0.81
N TYR A 118 -16.34 9.14 -0.28
CA TYR A 118 -15.02 8.45 -0.25
C TYR A 118 -13.87 9.33 -0.73
N ILE A 119 -14.11 10.20 -1.71
CA ILE A 119 -13.07 11.07 -2.23
C ILE A 119 -12.56 11.98 -1.12
N THR A 120 -13.48 12.58 -0.37
CA THR A 120 -13.08 13.55 0.65
C THR A 120 -12.06 12.97 1.66
N PRO A 121 -12.37 11.83 2.30
CA PRO A 121 -11.40 11.25 3.23
C PRO A 121 -10.08 10.80 2.57
N MET A 122 -10.15 10.42 1.29
CA MET A 122 -9.00 9.97 0.59
C MET A 122 -8.06 11.12 0.58
N PHE A 123 -8.52 12.27 0.08
CA PHE A 123 -7.70 13.45 0.04
C PHE A 123 -7.32 14.02 1.40
N SER A 124 -8.17 13.95 2.41
CA SER A 124 -7.72 14.36 3.77
C SER A 124 -6.49 13.57 4.15
N PHE A 125 -6.55 12.25 3.87
CA PHE A 125 -5.50 11.30 4.24
C PHE A 125 -4.21 11.66 3.54
N TYR A 126 -4.26 11.95 2.26
CA TYR A 126 -3.07 12.39 1.53
C TYR A 126 -2.39 13.62 2.15
N LYS A 127 -3.22 14.52 2.68
CA LYS A 127 -2.76 15.74 3.36
C LYS A 127 -2.17 15.38 4.73
N SER A 128 -2.95 14.64 5.53
CA SER A 128 -2.52 14.09 6.84
C SER A 128 -1.20 13.31 6.77
N ILE A 129 -0.95 12.67 5.64
CA ILE A 129 0.30 11.94 5.45
C ILE A 129 1.41 12.93 5.11
N GLY A 130 1.10 13.89 4.23
CA GLY A 130 2.09 14.80 3.66
C GLY A 130 2.75 15.73 4.65
N GLU A 131 2.11 16.02 5.77
CA GLU A 131 2.73 16.92 6.74
C GLU A 131 3.56 16.23 7.82
N LEU A 132 3.65 14.90 7.79
CA LEU A 132 4.73 14.20 8.50
C LEU A 132 6.05 14.23 7.75
N LYS A 133 6.03 14.66 6.48
CA LYS A 133 7.23 14.83 5.65
C LYS A 133 8.12 13.57 5.70
N MET A 134 7.49 12.44 5.45
CA MET A 134 8.08 11.13 5.72
C MET A 134 9.15 10.89 4.70
N THR A 135 10.24 10.32 5.14
CA THR A 135 11.28 9.81 4.26
C THR A 135 10.86 8.48 3.59
N GLN A 136 11.64 8.06 2.62
CA GLN A 136 11.47 6.81 1.93
C GLN A 136 11.62 5.65 2.89
N GLU A 137 12.51 5.77 3.85
CA GLU A 137 12.78 4.69 4.76
C GLU A 137 11.51 4.45 5.58
N GLU A 138 10.86 5.55 5.96
CA GLU A 138 9.67 5.51 6.79
C GLU A 138 8.52 4.91 6.00
N TYR A 139 8.32 5.34 4.75
CA TYR A 139 7.31 4.75 3.91
C TYR A 139 7.50 3.24 3.75
N ALA A 140 8.77 2.81 3.57
CA ALA A 140 9.05 1.42 3.25
C ALA A 140 8.72 0.53 4.43
N LEU A 141 9.17 0.95 5.60
CA LEU A 141 8.96 0.24 6.83
C LEU A 141 7.51 0.18 7.25
N LEU A 142 6.82 1.30 7.18
CA LEU A 142 5.40 1.28 7.37
C LEU A 142 4.63 0.34 6.48
N THR A 143 4.92 0.39 5.19
CA THR A 143 4.32 -0.52 4.24
C THR A 143 4.54 -1.91 4.66
N ALA A 144 5.78 -2.22 5.01
CA ALA A 144 6.11 -3.57 5.51
C ALA A 144 5.39 -3.96 6.79
N ILE A 145 5.24 -3.01 7.69
CA ILE A 145 4.50 -3.24 8.96
C ILE A 145 3.02 -3.49 8.67
N VAL A 146 2.46 -2.71 7.79
CA VAL A 146 1.08 -2.92 7.35
C VAL A 146 0.91 -4.32 6.75
N ILE A 147 1.84 -4.71 5.87
CA ILE A 147 1.70 -5.97 5.23
C ILE A 147 1.86 -7.13 6.16
N LEU A 148 2.78 -6.99 7.10
CA LEU A 148 3.12 -8.06 8.01
C LEU A 148 2.32 -7.92 9.37
N SER A 149 1.02 -7.68 9.24
CA SER A 149 0.12 -7.51 10.39
C SER A 149 -0.40 -8.86 10.90
N PRO A 150 -0.11 -9.17 12.15
CA PRO A 150 -0.69 -10.43 12.69
C PRO A 150 -2.22 -10.41 12.98
N ASP A 151 -2.88 -9.26 12.77
CA ASP A 151 -4.28 -9.08 13.10
C ASP A 151 -5.24 -9.35 11.98
N ARG A 152 -4.76 -9.82 10.85
CA ARG A 152 -5.62 -10.07 9.70
C ARG A 152 -6.47 -11.31 9.85
N GLN A 153 -7.63 -11.27 9.21
CA GLN A 153 -8.51 -12.43 9.09
C GLN A 153 -7.79 -13.64 8.51
N TYR A 154 -8.15 -14.80 9.03
CA TYR A 154 -7.77 -16.11 8.52
C TYR A 154 -6.37 -16.53 8.79
N ILE A 155 -5.54 -15.75 9.44
CA ILE A 155 -4.19 -16.27 9.71
C ILE A 155 -4.16 -17.45 10.71
N LYS A 156 -3.47 -18.51 10.38
CA LYS A 156 -3.35 -19.65 11.27
C LYS A 156 -2.29 -19.56 12.36
N ASP A 157 -1.14 -18.98 12.02
CA ASP A 157 0.00 -18.87 12.92
C ASP A 157 0.37 -17.39 13.01
N ARG A 158 -0.36 -16.72 13.90
CA ARG A 158 -0.20 -15.29 14.13
C ARG A 158 1.14 -14.92 14.78
N GLU A 159 1.70 -15.87 15.54
CA GLU A 159 2.98 -15.66 16.17
C GLU A 159 4.12 -15.56 15.13
N ALA A 160 4.09 -16.38 14.08
CA ALA A 160 5.18 -16.32 13.10
C ALA A 160 5.14 -14.94 12.44
N VAL A 161 3.97 -14.31 12.32
CA VAL A 161 3.89 -13.02 11.66
C VAL A 161 4.40 -11.94 12.56
N GLU A 162 4.01 -12.02 13.81
CA GLU A 162 4.40 -11.00 14.84
C GLU A 162 5.94 -10.91 15.02
N LYS A 163 6.62 -12.06 14.88
CA LYS A 163 8.06 -12.14 14.94
C LYS A 163 8.75 -11.48 13.78
N LEU A 164 8.06 -11.43 12.62
CA LEU A 164 8.56 -10.68 11.47
C LEU A 164 8.27 -9.21 11.59
N GLN A 165 7.16 -8.87 12.20
CA GLN A 165 6.75 -7.50 12.27
C GLN A 165 7.52 -6.71 13.30
N GLU A 166 7.71 -7.30 14.47
CA GLU A 166 8.30 -6.59 15.64
C GLU A 166 9.64 -5.91 15.31
N PRO A 167 10.56 -6.64 14.73
CA PRO A 167 11.85 -6.02 14.33
C PRO A 167 11.73 -4.82 13.42
N LEU A 168 10.71 -4.81 12.57
CA LEU A 168 10.48 -3.74 11.70
C LEU A 168 10.09 -2.59 12.51
N LEU A 169 9.21 -2.81 13.50
CA LEU A 169 8.82 -1.73 14.39
C LEU A 169 10.00 -1.17 15.19
N ASP A 170 10.91 -2.00 15.65
CA ASP A 170 12.10 -1.47 16.33
C ASP A 170 12.96 -0.52 15.46
N VAL A 171 13.22 -0.97 14.24
CA VAL A 171 13.95 -0.20 13.24
C VAL A 171 13.27 1.13 12.97
N LEU A 172 11.94 1.13 12.80
CA LEU A 172 11.27 2.36 12.61
C LEU A 172 11.40 3.35 13.79
N GLN A 173 11.16 2.87 15.01
CA GLN A 173 11.37 3.65 16.25
C GLN A 173 12.75 4.34 16.31
N LYS A 174 13.80 3.59 16.06
CA LYS A 174 15.11 4.23 15.97
C LYS A 174 15.24 5.22 14.80
N LEU A 175 14.68 4.93 13.64
CA LEU A 175 14.81 5.85 12.54
C LEU A 175 14.13 7.15 12.88
N CYS A 176 12.96 7.06 13.52
CA CYS A 176 12.26 8.25 13.98
C CYS A 176 13.15 9.13 14.84
N LYS A 177 13.94 8.53 15.72
CA LYS A 177 14.87 9.28 16.56
C LYS A 177 16.07 9.91 15.82
N ILE A 178 16.45 9.36 14.66
CA ILE A 178 17.56 9.86 13.88
C ILE A 178 17.14 10.98 12.92
N HIS A 179 15.94 10.90 12.35
CA HIS A 179 15.49 11.87 11.35
C HIS A 179 14.56 12.92 11.90
N GLN A 180 13.91 12.66 13.03
CA GLN A 180 13.20 13.72 13.73
C GLN A 180 13.64 13.80 15.21
N PRO A 181 14.93 14.10 15.46
CA PRO A 181 15.40 14.06 16.86
C PRO A 181 14.76 15.15 17.73
N GLU A 182 14.29 16.22 17.14
CA GLU A 182 13.54 17.19 17.87
C GLU A 182 12.07 16.85 18.13
N ASN A 183 11.45 15.89 17.43
CA ASN A 183 10.04 15.51 17.77
C ASN A 183 9.97 14.06 18.32
N PRO A 184 9.96 13.89 19.64
CA PRO A 184 9.93 12.55 20.18
C PRO A 184 8.59 11.85 20.05
N GLN A 185 7.51 12.57 19.72
CA GLN A 185 6.22 11.93 19.42
C GLN A 185 6.11 11.38 17.96
N HIS A 186 7.10 11.59 17.10
CA HIS A 186 7.04 11.22 15.68
C HIS A 186 6.64 9.75 15.44
N PHE A 187 7.25 8.82 16.17
CA PHE A 187 7.00 7.40 15.98
C PHE A 187 5.50 7.20 16.26
N ALA A 188 5.01 7.87 17.29
CA ALA A 188 3.63 7.68 17.67
C ALA A 188 2.72 8.30 16.68
N LYS A 189 3.16 9.37 16.06
CA LYS A 189 2.35 9.99 15.00
C LYS A 189 2.27 9.07 13.76
N LEU A 190 3.38 8.40 13.42
CA LEU A 190 3.39 7.51 12.27
C LEU A 190 2.39 6.44 12.55
N LEU A 191 2.45 5.86 13.74
CA LEU A 191 1.52 4.80 14.10
C LEU A 191 0.09 5.28 14.21
N GLY A 192 -0.07 6.51 14.60
CA GLY A 192 -1.40 7.11 14.57
C GLY A 192 -1.99 7.22 13.19
N ARG A 193 -1.17 7.50 12.18
CA ARG A 193 -1.68 7.52 10.79
C ARG A 193 -2.09 6.14 10.27
N LEU A 194 -1.51 5.07 10.81
CA LEU A 194 -1.99 3.75 10.52
C LEU A 194 -3.45 3.52 10.93
N THR A 195 -3.94 4.19 11.97
CA THR A 195 -5.31 3.90 12.39
C THR A 195 -6.29 4.58 11.43
N GLU A 196 -5.91 5.75 10.93
CA GLU A 196 -6.61 6.43 9.84
C GLU A 196 -6.57 5.60 8.52
N LEU A 197 -5.41 5.05 8.19
CA LEU A 197 -5.24 4.14 7.06
C LEU A 197 -6.21 2.98 7.12
N ARG A 198 -6.40 2.38 8.29
CA ARG A 198 -7.36 1.26 8.43
C ARG A 198 -8.81 1.57 8.05
N THR A 199 -9.20 2.83 8.20
CA THR A 199 -10.58 3.22 7.88
C THR A 199 -10.92 3.03 6.39
N PHE A 200 -9.89 2.99 5.54
CA PHE A 200 -10.07 2.70 4.14
C PHE A 200 -10.49 1.29 3.84
N ASN A 201 -10.31 0.32 4.74
CA ASN A 201 -10.87 -1.00 4.47
C ASN A 201 -12.38 -0.92 4.21
N HIS A 202 -13.10 -0.21 5.07
CA HIS A 202 -14.52 -0.07 4.94
C HIS A 202 -14.91 0.81 3.70
N HIS A 203 -14.28 1.98 3.55
CA HIS A 203 -14.53 2.84 2.38
C HIS A 203 -14.31 2.11 1.07
N HIS A 204 -13.27 1.29 1.00
CA HIS A 204 -12.92 0.68 -0.24
C HIS A 204 -13.96 -0.36 -0.61
N ALA A 205 -14.42 -1.13 0.37
CA ALA A 205 -15.43 -2.13 0.07
C ALA A 205 -16.69 -1.48 -0.49
N GLU A 206 -17.06 -0.32 0.05
CA GLU A 206 -18.21 0.47 -0.44
C GLU A 206 -17.98 1.02 -1.84
N MET A 207 -16.82 1.58 -2.12
CA MET A 207 -16.53 1.95 -3.49
C MET A 207 -16.69 0.80 -4.48
N LEU A 208 -16.14 -0.38 -4.12
CA LEU A 208 -16.30 -1.54 -4.98
C LEU A 208 -17.77 -1.93 -5.16
N MET A 209 -18.56 -1.82 -4.12
CA MET A 209 -19.94 -2.22 -4.20
C MET A 209 -20.69 -1.31 -5.20
N SER A 210 -20.48 0.03 -5.18
CA SER A 210 -21.17 0.92 -6.14
C SER A 210 -20.62 0.86 -7.57
N TRP A 211 -19.30 0.62 -7.71
CA TRP A 211 -18.78 0.33 -9.03
C TRP A 211 -19.44 -0.85 -9.67
N ARG A 212 -19.78 -1.90 -8.90
CA ARG A 212 -20.47 -3.08 -9.49
C ARG A 212 -21.92 -2.70 -9.91
N VAL A 213 -21.93 -1.96 -11.02
CA VAL A 213 -23.08 -1.52 -11.80
C VAL A 213 -22.60 -1.70 -13.25
N ASP A 214 -22.45 -2.98 -13.61
CA ASP A 214 -22.02 -3.47 -14.93
C ASP A 214 -20.47 -3.37 -15.11
N HIS A 215 -19.74 -2.70 -14.20
CA HIS A 215 -18.29 -2.47 -14.40
C HIS A 215 -17.44 -3.74 -14.18
N LYS A 216 -16.32 -3.72 -14.89
CA LYS A 216 -15.47 -4.87 -15.12
C LYS A 216 -14.07 -4.60 -14.50
N PHE A 217 -13.51 -5.66 -13.90
CA PHE A 217 -12.21 -5.59 -13.21
C PHE A 217 -11.19 -6.55 -13.76
N THR A 218 -9.94 -6.15 -13.63
CA THR A 218 -8.91 -7.02 -14.06
C THR A 218 -8.90 -8.34 -13.18
N PRO A 219 -8.31 -9.41 -13.74
CA PRO A 219 -8.16 -10.67 -13.00
C PRO A 219 -7.54 -10.50 -11.61
N LEU A 220 -6.44 -9.75 -11.53
CA LEU A 220 -5.76 -9.61 -10.29
C LEU A 220 -6.62 -8.90 -9.22
N LEU A 221 -7.41 -7.90 -9.58
CA LEU A 221 -8.20 -7.21 -8.64
C LEU A 221 -9.37 -8.07 -8.22
N GLN A 222 -9.80 -8.93 -9.14
CA GLN A 222 -10.82 -9.92 -8.81
C GLN A 222 -10.38 -10.90 -7.78
N GLU A 223 -9.17 -11.45 -7.91
CA GLU A 223 -8.65 -12.33 -6.88
C GLU A 223 -8.30 -11.66 -5.57
N ILE A 224 -7.65 -10.52 -5.61
CA ILE A 224 -7.14 -9.91 -4.39
C ILE A 224 -8.37 -9.55 -3.53
N TRP A 225 -9.46 -9.07 -4.12
CA TRP A 225 -10.63 -8.71 -3.31
C TRP A 225 -11.84 -9.62 -3.37
N ASP A 226 -11.74 -10.84 -3.92
CA ASP A 226 -12.91 -11.79 -4.11
C ASP A 226 -14.18 -11.20 -4.70
N VAL A 227 -14.17 -10.96 -6.02
CA VAL A 227 -15.28 -10.32 -6.71
C VAL A 227 -15.44 -10.90 -8.10
N GLU B 1 -8.15 -14.81 -2.24
CA GLU B 1 -7.37 -16.01 -2.46
C GLU B 1 -7.46 -16.52 -3.86
N HIS B 2 -6.36 -17.25 -4.18
CA HIS B 2 -6.16 -18.07 -5.40
C HIS B 2 -4.92 -18.27 -6.34
N GLN B 3 -5.14 -18.80 -7.54
CA GLN B 3 -4.10 -19.26 -8.45
C GLN B 3 -3.20 -18.17 -8.94
N LEU B 4 -3.80 -17.08 -9.35
CA LEU B 4 -3.04 -15.95 -9.82
C LEU B 4 -2.10 -15.42 -8.73
N LEU B 5 -2.59 -15.26 -7.51
CA LEU B 5 -1.71 -14.81 -6.44
C LEU B 5 -0.61 -15.80 -6.14
N ARG B 6 -0.98 -17.07 -6.05
CA ARG B 6 0.05 -18.13 -5.83
C ARG B 6 1.09 -18.10 -6.92
N TYR B 7 0.67 -17.87 -8.15
CA TYR B 7 1.61 -17.75 -9.27
C TYR B 7 2.57 -16.58 -9.14
N LEU B 8 2.00 -15.45 -8.72
CA LEU B 8 2.76 -14.21 -8.63
C LEU B 8 3.75 -14.32 -7.48
N LEU B 9 3.35 -14.96 -6.40
CA LEU B 9 4.31 -15.21 -5.32
C LEU B 9 5.42 -16.17 -5.69
N ASP B 10 5.10 -17.21 -6.46
CA ASP B 10 6.09 -18.26 -6.74
C ASP B 10 7.11 -17.97 -7.82
N LYS B 11 6.89 -17.01 -8.70
CA LYS B 11 7.65 -16.93 -9.96
C LYS B 11 9.11 -16.41 -9.96
O1 XD4 C . -9.53 1.13 -5.38
C3 XD4 C . -8.98 1.19 -6.47
C4 XD4 C . -9.61 0.58 -7.67
C10 XD4 C . -9.66 1.30 -8.87
C9 XD4 C . -10.24 0.75 -10.01
C8 XD4 C . -10.80 -0.52 -9.98
N XD4 C . -11.36 -1.06 -11.08
C6 XD4 C . -10.75 -1.29 -8.70
C7 XD4 C . -11.34 -2.67 -8.62
C5 XD4 C . -10.16 -0.71 -7.59
O XD4 C . -7.69 1.87 -6.58
C2 XD4 C . -7.85 3.24 -6.93
C11 XD4 C . -6.63 3.74 -7.69
C12 XD4 C . -6.07 4.82 -6.78
C13 XD4 C . -6.39 4.28 -5.42
C15 XD4 C . -6.14 5.32 -4.33
C14 XD4 C . -5.68 2.97 -5.11
C16 XD4 C . -7.03 5.99 -6.90
C17 XD4 C . -8.27 5.51 -6.13
C1 XD4 C . -7.86 4.11 -5.68
C XD4 C . -8.65 3.55 -4.52
S SO4 D . 13.52 10.81 1.05
O1 SO4 D . 13.43 10.86 -0.45
O2 SO4 D . 12.52 11.80 1.58
O3 SO4 D . 13.34 9.43 1.59
O4 SO4 D . 14.90 11.07 1.53
#